data_6WPO
#
_entry.id   6WPO
#
_entity_poly.entity_id   1
_entity_poly.type   'polypeptide(L)'
_entity_poly.pdbx_seq_one_letter_code
;GIGDILKNLAKAAGKAALHAVGESL(NH2)
;
_entity_poly.pdbx_strand_id   A
#
loop_
_chem_comp.id
_chem_comp.type
_chem_comp.name
_chem_comp.formula
NH2 non-polymer 'AMINO GROUP' 'H2 N'
#
# COMPACT_ATOMS: atom_id res chain seq x y z
N GLY A 1 8.92 -0.11 -15.73
CA GLY A 1 8.31 1.16 -16.24
C GLY A 1 7.93 2.04 -15.06
N ILE A 2 7.99 3.36 -15.26
CA ILE A 2 7.64 4.30 -14.20
C ILE A 2 6.18 4.15 -13.80
N GLY A 3 5.31 4.02 -14.80
CA GLY A 3 3.89 3.87 -14.54
C GLY A 3 3.60 2.62 -13.72
N ASP A 4 4.26 1.53 -14.06
CA ASP A 4 4.08 0.27 -13.36
C ASP A 4 4.51 0.40 -11.90
N ILE A 5 5.62 1.07 -11.67
CA ILE A 5 6.13 1.25 -10.32
C ILE A 5 5.16 2.09 -9.50
N LEU A 6 4.63 3.14 -10.09
CA LEU A 6 3.70 4.01 -9.40
C LEU A 6 2.46 3.24 -8.96
N LYS A 7 1.94 2.42 -9.86
CA LYS A 7 0.77 1.62 -9.57
C LYS A 7 1.05 0.63 -8.44
N ASN A 8 2.23 0.02 -8.47
CA ASN A 8 2.62 -0.93 -7.46
C ASN A 8 2.73 -0.24 -6.10
N LEU A 9 3.27 0.97 -6.09
CA LEU A 9 3.42 1.72 -4.85
C LEU A 9 2.05 1.99 -4.24
N ALA A 10 1.10 2.41 -5.08
CA ALA A 10 -0.25 2.71 -4.60
C ALA A 10 -0.86 1.48 -3.94
N LYS A 11 -0.74 0.33 -4.60
CA LYS A 11 -1.30 -0.91 -4.07
C LYS A 11 -0.61 -1.29 -2.76
N ALA A 12 0.71 -1.14 -2.72
CA ALA A 12 1.48 -1.48 -1.54
C ALA A 12 1.10 -0.57 -0.37
N ALA A 13 0.85 0.70 -0.68
CA ALA A 13 0.48 1.66 0.36
C ALA A 13 -0.84 1.27 1.01
N GLY A 14 -1.79 0.80 0.20
CA GLY A 14 -3.09 0.40 0.71
C GLY A 14 -2.97 -0.78 1.67
N LYS A 15 -2.19 -1.79 1.28
CA LYS A 15 -2.02 -2.96 2.12
C LYS A 15 -1.35 -2.56 3.45
N ALA A 16 -0.34 -1.70 3.37
CA ALA A 16 0.37 -1.25 4.57
C ALA A 16 -0.59 -0.50 5.49
N ALA A 17 -1.45 0.32 4.91
CA ALA A 17 -2.41 1.09 5.69
C ALA A 17 -3.36 0.17 6.45
N LEU A 18 -3.81 -0.89 5.76
CA LEU A 18 -4.73 -1.84 6.37
C LEU A 18 -4.07 -2.56 7.55
N HIS A 19 -2.81 -2.95 7.37
CA HIS A 19 -2.09 -3.66 8.43
C HIS A 19 -1.99 -2.79 9.69
N ALA A 20 -1.74 -1.49 9.49
CA ALA A 20 -1.62 -0.58 10.61
C ALA A 20 -2.94 -0.50 11.38
N VAL A 21 -4.04 -0.49 10.65
CA VAL A 21 -5.36 -0.41 11.27
C VAL A 21 -5.60 -1.62 12.16
N GLY A 22 -5.25 -2.81 11.67
CA GLY A 22 -5.44 -4.03 12.43
C GLY A 22 -4.58 -4.02 13.70
N GLU A 23 -3.31 -3.64 13.55
CA GLU A 23 -2.40 -3.60 14.69
C GLU A 23 -2.88 -2.57 15.72
N SER A 24 -3.68 -1.63 15.28
CA SER A 24 -4.20 -0.60 16.17
C SER A 24 -5.02 -1.23 17.30
N LEU A 25 -5.78 -2.26 16.96
CA LEU A 25 -6.61 -2.94 17.94
C LEU A 25 -5.78 -3.37 19.14
N NH2 A 26 -5.07 -4.47 19.06
HN1 NH2 A 26 -5.08 -5.00 18.23
HN2 NH2 A 26 -4.53 -4.75 19.83
N GLY A 1 6.98 0.81 -17.13
CA GLY A 1 8.04 0.73 -16.08
C GLY A 1 7.73 1.71 -14.96
N ILE A 2 7.79 3.00 -15.28
CA ILE A 2 7.51 4.02 -14.28
C ILE A 2 6.08 3.93 -13.79
N GLY A 3 5.15 3.74 -14.74
CA GLY A 3 3.74 3.64 -14.39
C GLY A 3 3.48 2.43 -13.50
N ASP A 4 4.16 1.33 -13.81
CA ASP A 4 3.99 0.11 -13.03
C ASP A 4 4.44 0.33 -11.59
N ILE A 5 5.56 1.03 -11.42
CA ILE A 5 6.08 1.31 -10.10
C ILE A 5 5.11 2.17 -9.30
N LEU A 6 4.56 3.19 -9.96
CA LEU A 6 3.61 4.09 -9.31
C LEU A 6 2.39 3.32 -8.83
N LYS A 7 1.88 2.45 -9.68
CA LYS A 7 0.72 1.65 -9.33
C LYS A 7 1.04 0.71 -8.18
N ASN A 8 2.23 0.12 -8.23
CA ASN A 8 2.66 -0.80 -7.20
C ASN A 8 2.78 -0.06 -5.87
N LEU A 9 3.31 1.16 -5.92
CA LEU A 9 3.48 1.96 -4.72
C LEU A 9 2.12 2.23 -4.08
N ALA A 10 1.16 2.64 -4.90
CA ALA A 10 -0.19 2.92 -4.39
C ALA A 10 -0.81 1.65 -3.81
N LYS A 11 -0.62 0.54 -4.51
CA LYS A 11 -1.17 -0.73 -4.05
C LYS A 11 -0.52 -1.14 -2.72
N ALA A 12 0.79 -1.02 -2.66
CA ALA A 12 1.53 -1.37 -1.45
C ALA A 12 1.09 -0.50 -0.28
N ALA A 13 0.88 0.79 -0.55
CA ALA A 13 0.46 1.72 0.49
C ALA A 13 -0.88 1.31 1.07
N GLY A 14 -1.78 0.83 0.22
CA GLY A 14 -3.09 0.40 0.66
C GLY A 14 -2.98 -0.74 1.67
N LYS A 15 -2.23 -1.77 1.30
CA LYS A 15 -2.04 -2.91 2.18
C LYS A 15 -1.32 -2.49 3.44
N ALA A 16 -0.31 -1.64 3.30
CA ALA A 16 0.45 -1.18 4.44
C ALA A 16 -0.45 -0.44 5.41
N ALA A 17 -1.31 0.43 4.87
CA ALA A 17 -2.22 1.19 5.72
C ALA A 17 -3.21 0.26 6.41
N LEU A 18 -3.70 -0.73 5.67
CA LEU A 18 -4.64 -1.68 6.23
C LEU A 18 -4.00 -2.46 7.37
N HIS A 19 -2.75 -2.87 7.15
CA HIS A 19 -2.03 -3.63 8.16
C HIS A 19 -1.91 -2.82 9.45
N ALA A 20 -1.58 -1.54 9.30
CA ALA A 20 -1.45 -0.65 10.45
C ALA A 20 -2.78 -0.48 11.17
N VAL A 21 -3.85 -0.39 10.39
CA VAL A 21 -5.19 -0.23 10.97
C VAL A 21 -5.56 -1.45 11.80
N GLY A 22 -5.28 -2.63 11.26
CA GLY A 22 -5.59 -3.86 11.97
C GLY A 22 -4.87 -3.94 13.30
N GLU A 23 -3.60 -3.54 13.30
CA GLU A 23 -2.81 -3.57 14.53
C GLU A 23 -3.33 -2.54 15.53
N SER A 24 -3.78 -1.40 15.02
CA SER A 24 -4.31 -0.35 15.87
C SER A 24 -5.53 -0.84 16.64
N LEU A 25 -6.42 -1.53 15.94
CA LEU A 25 -7.62 -2.07 16.56
C LEU A 25 -7.27 -3.14 17.58
N NH2 A 26 -7.34 -2.87 18.86
HN1 NH2 A 26 -7.62 -1.97 19.15
HN2 NH2 A 26 -7.12 -3.55 19.52
N GLY A 1 8.82 0.83 -16.65
CA GLY A 1 7.61 1.68 -16.69
C GLY A 1 7.47 2.44 -15.38
N ILE A 2 7.66 3.75 -15.43
CA ILE A 2 7.56 4.57 -14.23
C ILE A 2 6.13 4.54 -13.68
N GLY A 3 5.15 4.64 -14.56
CA GLY A 3 3.75 4.62 -14.15
C GLY A 3 3.38 3.29 -13.50
N ASP A 4 3.92 2.20 -14.05
CA ASP A 4 3.64 0.88 -13.52
C ASP A 4 4.17 0.74 -12.09
N ILE A 5 5.36 1.28 -11.85
CA ILE A 5 5.96 1.21 -10.53
C ILE A 5 5.12 1.98 -9.52
N LEU A 6 4.65 3.17 -9.91
CA LEU A 6 3.86 3.99 -9.01
C LEU A 6 2.59 3.24 -8.61
N LYS A 7 1.95 2.62 -9.59
CA LYS A 7 0.74 1.87 -9.32
C LYS A 7 1.02 0.72 -8.37
N ASN A 8 2.13 0.02 -8.60
CA ASN A 8 2.50 -1.09 -7.75
C ASN A 8 2.77 -0.59 -6.33
N LEU A 9 3.42 0.57 -6.24
CA LEU A 9 3.74 1.14 -4.94
C LEU A 9 2.45 1.47 -4.18
N ALA A 10 1.48 2.05 -4.88
CA ALA A 10 0.22 2.41 -4.27
C ALA A 10 -0.46 1.17 -3.69
N LYS A 11 -0.41 0.07 -4.43
CA LYS A 11 -1.01 -1.18 -3.97
C LYS A 11 -0.33 -1.66 -2.69
N ALA A 12 1.00 -1.59 -2.67
CA ALA A 12 1.76 -2.03 -1.51
C ALA A 12 1.40 -1.18 -0.28
N ALA A 13 1.22 0.12 -0.52
CA ALA A 13 0.86 1.03 0.56
C ALA A 13 -0.50 0.66 1.15
N GLY A 14 -1.42 0.25 0.29
CA GLY A 14 -2.75 -0.13 0.73
C GLY A 14 -2.69 -1.28 1.72
N LYS A 15 -1.94 -2.33 1.36
CA LYS A 15 -1.80 -3.48 2.24
C LYS A 15 -1.16 -3.07 3.56
N ALA A 16 -0.11 -2.28 3.47
CA ALA A 16 0.59 -1.83 4.67
C ALA A 16 -0.36 -0.98 5.53
N ALA A 17 -1.18 -0.16 4.88
CA ALA A 17 -2.12 0.68 5.58
C ALA A 17 -3.15 -0.17 6.32
N LEU A 18 -3.59 -1.24 5.68
CA LEU A 18 -4.56 -2.13 6.29
C LEU A 18 -4.00 -2.75 7.56
N HIS A 19 -2.73 -3.16 7.50
CA HIS A 19 -2.08 -3.77 8.65
C HIS A 19 -2.02 -2.79 9.81
N ALA A 20 -1.68 -1.54 9.51
CA ALA A 20 -1.58 -0.50 10.53
C ALA A 20 -2.94 -0.28 11.18
N VAL A 21 -3.99 -0.32 10.38
CA VAL A 21 -5.34 -0.13 10.90
C VAL A 21 -5.71 -1.26 11.86
N GLY A 22 -5.39 -2.48 11.48
CA GLY A 22 -5.70 -3.63 12.32
C GLY A 22 -5.06 -3.50 13.69
N GLU A 23 -3.83 -3.03 13.71
CA GLU A 23 -3.11 -2.85 14.97
C GLU A 23 -3.71 -1.71 15.78
N SER A 24 -4.13 -0.65 15.09
CA SER A 24 -4.72 0.51 15.75
C SER A 24 -5.97 0.12 16.54
N LEU A 25 -6.81 -0.71 15.93
CA LEU A 25 -8.04 -1.15 16.58
C LEU A 25 -8.68 -0.01 17.37
N NH2 A 26 -8.35 0.16 18.62
HN1 NH2 A 26 -7.70 -0.45 19.04
HN2 NH2 A 26 -8.76 0.89 19.15
N GLY A 1 6.46 1.66 -17.45
CA GLY A 1 7.70 1.57 -16.61
C GLY A 1 7.50 2.33 -15.31
N ILE A 2 7.63 3.65 -15.36
CA ILE A 2 7.47 4.47 -14.18
C ILE A 2 6.02 4.41 -13.67
N GLY A 3 5.07 4.43 -14.61
CA GLY A 3 3.66 4.37 -14.24
C GLY A 3 3.33 3.07 -13.53
N ASP A 4 3.89 1.97 -14.02
CA ASP A 4 3.64 0.67 -13.42
C ASP A 4 4.17 0.61 -11.99
N ILE A 5 5.35 1.19 -11.78
CA ILE A 5 5.95 1.21 -10.46
C ILE A 5 5.09 2.01 -9.49
N LEU A 6 4.60 3.16 -9.95
CA LEU A 6 3.78 4.00 -9.10
C LEU A 6 2.52 3.26 -8.66
N LYS A 7 1.91 2.55 -9.60
CA LYS A 7 0.71 1.80 -9.30
C LYS A 7 1.01 0.68 -8.30
N ASN A 8 2.14 0.00 -8.51
CA ASN A 8 2.55 -1.06 -7.62
C ASN A 8 2.82 -0.51 -6.23
N LEU A 9 3.45 0.65 -6.18
CA LEU A 9 3.75 1.30 -4.91
C LEU A 9 2.46 1.63 -4.17
N ALA A 10 1.50 2.16 -4.92
CA ALA A 10 0.22 2.52 -4.34
C ALA A 10 -0.46 1.30 -3.72
N LYS A 11 -0.44 0.19 -4.45
CA LYS A 11 -1.05 -1.05 -3.96
C LYS A 11 -0.34 -1.53 -2.69
N ALA A 12 0.99 -1.47 -2.70
CA ALA A 12 1.77 -1.89 -1.55
C ALA A 12 1.42 -1.05 -0.33
N ALA A 13 1.22 0.25 -0.56
CA ALA A 13 0.87 1.16 0.52
C ALA A 13 -0.47 0.77 1.13
N GLY A 14 -1.39 0.34 0.28
CA GLY A 14 -2.72 -0.06 0.74
C GLY A 14 -2.63 -1.22 1.73
N LYS A 15 -1.83 -2.23 1.38
CA LYS A 15 -1.66 -3.38 2.24
C LYS A 15 -1.07 -2.97 3.58
N ALA A 16 -0.04 -2.15 3.54
CA ALA A 16 0.61 -1.67 4.75
C ALA A 16 -0.37 -0.84 5.58
N ALA A 17 -1.15 -0.01 4.90
CA ALA A 17 -2.12 0.84 5.58
C ALA A 17 -3.14 -0.02 6.32
N LEU A 18 -3.61 -1.07 5.66
CA LEU A 18 -4.59 -1.96 6.26
C LEU A 18 -4.02 -2.63 7.50
N HIS A 19 -2.77 -3.07 7.41
CA HIS A 19 -2.12 -3.73 8.53
C HIS A 19 -2.04 -2.79 9.73
N ALA A 20 -1.67 -1.54 9.46
CA ALA A 20 -1.54 -0.54 10.52
C ALA A 20 -2.90 -0.28 11.18
N VAL A 21 -3.96 -0.24 10.37
CA VAL A 21 -5.30 0.00 10.90
C VAL A 21 -5.73 -1.14 11.82
N GLY A 22 -5.46 -2.37 11.39
CA GLY A 22 -5.83 -3.55 12.18
C GLY A 22 -5.16 -3.52 13.55
N GLU A 23 -3.88 -3.15 13.57
CA GLU A 23 -3.13 -3.09 14.82
C GLU A 23 -3.69 -2.02 15.75
N SER A 24 -4.08 -0.88 15.17
CA SER A 24 -4.64 0.21 15.96
C SER A 24 -5.91 -0.23 16.68
N LEU A 25 -6.78 -0.94 15.96
CA LEU A 25 -8.02 -1.42 16.54
C LEU A 25 -7.76 -2.60 17.47
N NH2 A 26 -7.84 -2.42 18.77
HN1 NH2 A 26 -8.08 -1.54 19.13
HN2 NH2 A 26 -7.68 -3.19 19.37
N GLY A 1 9.17 0.34 -16.14
CA GLY A 1 7.93 1.12 -16.41
C GLY A 1 7.65 2.07 -15.27
N ILE A 2 7.61 3.37 -15.56
CA ILE A 2 7.36 4.37 -14.54
C ILE A 2 5.96 4.20 -13.96
N GLY A 3 4.99 3.97 -14.83
CA GLY A 3 3.61 3.77 -14.38
C GLY A 3 3.49 2.52 -13.52
N ASP A 4 4.23 1.49 -13.88
CA ASP A 4 4.19 0.23 -13.13
C ASP A 4 4.63 0.45 -11.68
N ILE A 5 5.72 1.19 -11.51
CA ILE A 5 6.24 1.46 -10.18
C ILE A 5 5.23 2.28 -9.36
N LEU A 6 4.65 3.30 -9.99
CA LEU A 6 3.68 4.16 -9.30
C LEU A 6 2.47 3.34 -8.85
N LYS A 7 1.96 2.50 -9.73
CA LYS A 7 0.82 1.67 -9.40
C LYS A 7 1.18 0.68 -8.29
N ASN A 8 2.36 0.09 -8.42
CA ASN A 8 2.84 -0.86 -7.43
C ASN A 8 2.96 -0.20 -6.05
N LEU A 9 3.48 1.02 -6.05
CA LEU A 9 3.65 1.75 -4.81
C LEU A 9 2.29 2.00 -4.14
N ALA A 10 1.33 2.43 -4.95
CA ALA A 10 -0.01 2.72 -4.43
C ALA A 10 -0.62 1.46 -3.81
N LYS A 11 -0.51 0.34 -4.51
CA LYS A 11 -1.06 -0.91 -4.03
C LYS A 11 -0.37 -1.33 -2.72
N ALA A 12 0.94 -1.19 -2.68
CA ALA A 12 1.71 -1.55 -1.49
C ALA A 12 1.30 -0.70 -0.30
N ALA A 13 1.07 0.59 -0.54
CA ALA A 13 0.68 1.49 0.52
C ALA A 13 -0.69 1.10 1.09
N GLY A 14 -1.59 0.69 0.21
CA GLY A 14 -2.93 0.30 0.63
C GLY A 14 -2.90 -0.87 1.60
N LYS A 15 -2.18 -1.93 1.25
CA LYS A 15 -2.10 -3.10 2.14
C LYS A 15 -1.42 -2.71 3.45
N ALA A 16 -0.36 -1.93 3.37
CA ALA A 16 0.35 -1.49 4.56
C ALA A 16 -0.60 -0.68 5.47
N ALA A 17 -1.41 0.16 4.84
CA ALA A 17 -2.35 0.98 5.59
C ALA A 17 -3.37 0.10 6.32
N LEU A 18 -3.88 -0.90 5.61
CA LEU A 18 -4.86 -1.81 6.19
C LEU A 18 -4.26 -2.58 7.37
N HIS A 19 -3.03 -3.03 7.21
CA HIS A 19 -2.36 -3.78 8.27
C HIS A 19 -2.20 -2.90 9.51
N ALA A 20 -1.85 -1.64 9.28
CA ALA A 20 -1.66 -0.69 10.39
C ALA A 20 -2.96 -0.49 11.15
N VAL A 21 -4.08 -0.43 10.42
CA VAL A 21 -5.38 -0.22 11.06
C VAL A 21 -5.73 -1.39 11.98
N GLY A 22 -5.51 -2.61 11.51
CA GLY A 22 -5.82 -3.79 12.31
C GLY A 22 -5.01 -3.80 13.61
N GLU A 23 -3.75 -3.41 13.52
CA GLU A 23 -2.88 -3.38 14.69
C GLU A 23 -3.32 -2.29 15.66
N SER A 24 -3.78 -1.17 15.12
CA SER A 24 -4.22 -0.05 15.95
C SER A 24 -5.35 -0.48 16.87
N LEU A 25 -6.33 -1.19 16.33
CA LEU A 25 -7.47 -1.66 17.10
C LEU A 25 -7.50 -3.18 17.12
N NH2 A 26 -8.60 -3.79 17.50
HN1 NH2 A 26 -9.39 -3.25 17.76
HN2 NH2 A 26 -8.64 -4.77 17.52
N GLY A 1 7.13 0.85 -17.97
CA GLY A 1 7.18 0.16 -16.65
C GLY A 1 7.16 1.19 -15.54
N ILE A 2 7.37 2.45 -15.89
CA ILE A 2 7.36 3.53 -14.91
C ILE A 2 5.98 3.66 -14.26
N GLY A 3 4.95 3.59 -15.09
CA GLY A 3 3.57 3.70 -14.58
C GLY A 3 3.25 2.53 -13.66
N ASP A 4 3.76 1.35 -14.00
CA ASP A 4 3.52 0.17 -13.19
C ASP A 4 4.14 0.33 -11.80
N ILE A 5 5.33 0.89 -11.75
CA ILE A 5 6.02 1.09 -10.49
C ILE A 5 5.23 2.07 -9.61
N LEU A 6 4.74 3.14 -10.22
CA LEU A 6 3.99 4.14 -9.47
C LEU A 6 2.73 3.50 -8.88
N LYS A 7 2.03 2.71 -9.70
CA LYS A 7 0.83 2.04 -9.26
C LYS A 7 1.14 1.05 -8.14
N ASN A 8 2.25 0.33 -8.29
CA ASN A 8 2.67 -0.63 -7.28
C ASN A 8 2.94 0.07 -5.95
N LEU A 9 3.58 1.23 -6.04
CA LEU A 9 3.89 2.00 -4.84
C LEU A 9 2.61 2.37 -4.10
N ALA A 10 1.62 2.81 -4.85
CA ALA A 10 0.33 3.20 -4.27
C ALA A 10 -0.31 1.98 -3.59
N LYS A 11 -0.22 0.84 -4.24
CA LYS A 11 -0.78 -0.39 -3.70
C LYS A 11 -0.08 -0.77 -2.39
N ALA A 12 1.24 -0.63 -2.37
CA ALA A 12 2.02 -0.96 -1.19
C ALA A 12 1.59 -0.08 -0.01
N ALA A 13 1.34 1.19 -0.28
CA ALA A 13 0.92 2.12 0.76
C ALA A 13 -0.42 1.71 1.34
N GLY A 14 -1.31 1.23 0.48
CA GLY A 14 -2.64 0.79 0.92
C GLY A 14 -2.52 -0.39 1.88
N LYS A 15 -1.65 -1.32 1.55
CA LYS A 15 -1.45 -2.50 2.37
C LYS A 15 -0.89 -2.10 3.74
N ALA A 16 0.03 -1.15 3.73
CA ALA A 16 0.64 -0.68 4.98
C ALA A 16 -0.44 -0.15 5.92
N ALA A 17 -1.36 0.64 5.37
CA ALA A 17 -2.44 1.20 6.18
C ALA A 17 -3.36 0.10 6.66
N LEU A 18 -3.65 -0.86 5.80
CA LEU A 18 -4.53 -1.96 6.15
C LEU A 18 -3.90 -2.78 7.27
N HIS A 19 -2.60 -3.02 7.17
CA HIS A 19 -1.90 -3.79 8.18
C HIS A 19 -2.02 -3.11 9.54
N ALA A 20 -1.88 -1.79 9.55
CA ALA A 20 -1.97 -1.02 10.77
C ALA A 20 -3.37 -1.16 11.38
N VAL A 21 -4.39 -1.15 10.53
CA VAL A 21 -5.76 -1.28 10.99
C VAL A 21 -5.98 -2.64 11.66
N GLY A 22 -5.45 -3.69 11.04
CA GLY A 22 -5.60 -5.04 11.58
C GLY A 22 -4.99 -5.14 12.98
N GLU A 23 -3.85 -4.49 13.17
CA GLU A 23 -3.18 -4.52 14.47
C GLU A 23 -3.97 -3.71 15.51
N SER A 24 -4.58 -2.62 15.07
CA SER A 24 -5.34 -1.77 15.97
C SER A 24 -6.50 -2.54 16.60
N LEU A 25 -7.21 -3.32 15.78
CA LEU A 25 -8.33 -4.11 16.25
C LEU A 25 -9.13 -3.34 17.30
N NH2 A 26 -10.08 -2.52 16.91
HN1 NH2 A 26 -10.27 -2.42 15.95
HN2 NH2 A 26 -10.60 -2.02 17.58
N GLY A 1 6.37 1.27 -17.42
CA GLY A 1 7.62 1.23 -16.60
C GLY A 1 7.44 2.06 -15.35
N ILE A 2 7.57 3.37 -15.48
CA ILE A 2 7.42 4.28 -14.35
C ILE A 2 5.98 4.25 -13.83
N GLY A 3 5.02 4.22 -14.75
CA GLY A 3 3.62 4.20 -14.36
C GLY A 3 3.29 2.92 -13.58
N ASP A 4 3.84 1.81 -14.03
CA ASP A 4 3.61 0.53 -13.36
C ASP A 4 4.14 0.55 -11.95
N ILE A 5 5.34 1.12 -11.78
CA ILE A 5 5.95 1.20 -10.46
C ILE A 5 5.11 2.07 -9.53
N LEU A 6 4.63 3.20 -10.04
CA LEU A 6 3.82 4.10 -9.22
C LEU A 6 2.57 3.37 -8.74
N LYS A 7 1.91 2.67 -9.65
CA LYS A 7 0.71 1.93 -9.32
C LYS A 7 1.04 0.81 -8.33
N ASN A 8 2.15 0.12 -8.56
CA ASN A 8 2.57 -0.95 -7.68
C ASN A 8 2.84 -0.41 -6.28
N LEU A 9 3.49 0.75 -6.23
CA LEU A 9 3.80 1.37 -4.95
C LEU A 9 2.53 1.71 -4.18
N ALA A 10 1.55 2.26 -4.89
CA ALA A 10 0.29 2.62 -4.26
C ALA A 10 -0.39 1.39 -3.67
N LYS A 11 -0.35 0.28 -4.41
CA LYS A 11 -0.96 -0.95 -3.95
C LYS A 11 -0.28 -1.42 -2.67
N ALA A 12 1.04 -1.40 -2.68
CA ALA A 12 1.82 -1.83 -1.51
C ALA A 12 1.48 -0.97 -0.30
N ALA A 13 1.30 0.33 -0.55
CA ALA A 13 0.97 1.26 0.52
C ALA A 13 -0.39 0.91 1.13
N GLY A 14 -1.31 0.48 0.28
CA GLY A 14 -2.64 0.12 0.74
C GLY A 14 -2.58 -1.02 1.75
N LYS A 15 -1.80 -2.05 1.42
CA LYS A 15 -1.66 -3.19 2.31
C LYS A 15 -1.06 -2.77 3.64
N ALA A 16 -0.02 -1.95 3.58
CA ALA A 16 0.63 -1.48 4.80
C ALA A 16 -0.34 -0.65 5.64
N ALA A 17 -1.14 0.18 4.96
CA ALA A 17 -2.12 1.01 5.66
C ALA A 17 -3.14 0.15 6.40
N LEU A 18 -3.64 -0.88 5.73
CA LEU A 18 -4.62 -1.77 6.32
C LEU A 18 -4.02 -2.48 7.54
N HIS A 19 -2.77 -2.92 7.41
CA HIS A 19 -2.10 -3.62 8.49
C HIS A 19 -2.02 -2.73 9.72
N ALA A 20 -1.66 -1.47 9.51
CA ALA A 20 -1.55 -0.52 10.61
C ALA A 20 -2.91 -0.31 11.29
N VAL A 21 -3.96 -0.24 10.48
CA VAL A 21 -5.30 -0.04 11.01
C VAL A 21 -5.71 -1.24 11.86
N GLY A 22 -5.43 -2.44 11.37
CA GLY A 22 -5.79 -3.65 12.09
C GLY A 22 -5.15 -3.68 13.48
N GLU A 23 -3.89 -3.26 13.54
CA GLU A 23 -3.17 -3.24 14.80
C GLU A 23 -3.79 -2.22 15.76
N SER A 24 -4.22 -1.08 15.20
CA SER A 24 -4.82 -0.04 16.01
C SER A 24 -6.07 -0.55 16.72
N LEU A 25 -6.91 -1.29 15.98
CA LEU A 25 -8.12 -1.85 16.54
C LEU A 25 -7.80 -2.96 17.52
N NH2 A 26 -7.39 -4.12 17.08
HN1 NH2 A 26 -7.29 -4.26 16.11
HN2 NH2 A 26 -7.18 -4.84 17.71
N GLY A 1 6.93 1.45 -17.67
CA GLY A 1 7.77 0.98 -16.53
C GLY A 1 7.57 1.91 -15.33
N ILE A 2 7.66 3.22 -15.57
CA ILE A 2 7.48 4.20 -14.51
C ILE A 2 6.08 4.12 -13.94
N GLY A 3 5.09 4.04 -14.83
CA GLY A 3 3.70 3.96 -14.40
C GLY A 3 3.45 2.69 -13.59
N ASP A 4 4.07 1.59 -14.02
CA ASP A 4 3.91 0.31 -13.33
C ASP A 4 4.41 0.42 -11.89
N ILE A 5 5.56 1.05 -11.72
CA ILE A 5 6.14 1.22 -10.39
C ILE A 5 5.23 2.06 -9.51
N LEU A 6 4.70 3.14 -10.08
CA LEU A 6 3.82 4.03 -9.33
C LEU A 6 2.58 3.27 -8.85
N LYS A 7 2.02 2.47 -9.75
CA LYS A 7 0.84 1.69 -9.43
C LYS A 7 1.14 0.68 -8.32
N ASN A 8 2.28 0.02 -8.43
CA ASN A 8 2.69 -0.96 -7.44
C ASN A 8 2.91 -0.28 -6.09
N LEU A 9 3.51 0.91 -6.12
CA LEU A 9 3.77 1.65 -4.89
C LEU A 9 2.46 1.98 -4.19
N ALA A 10 1.49 2.46 -4.94
CA ALA A 10 0.19 2.81 -4.38
C ALA A 10 -0.49 1.59 -3.78
N LYS A 11 -0.38 0.45 -4.48
CA LYS A 11 -0.98 -0.78 -4.00
C LYS A 11 -0.35 -1.22 -2.68
N ALA A 12 0.98 -1.12 -2.61
CA ALA A 12 1.69 -1.50 -1.40
C ALA A 12 1.27 -0.61 -0.22
N ALA A 13 1.06 0.67 -0.51
CA ALA A 13 0.66 1.62 0.52
C ALA A 13 -0.71 1.24 1.09
N GLY A 14 -1.59 0.76 0.22
CA GLY A 14 -2.92 0.35 0.65
C GLY A 14 -2.86 -0.79 1.66
N LYS A 15 -2.09 -1.82 1.32
CA LYS A 15 -1.95 -2.97 2.20
C LYS A 15 -1.29 -2.55 3.51
N ALA A 16 -0.27 -1.71 3.41
CA ALA A 16 0.44 -1.24 4.60
C ALA A 16 -0.52 -0.51 5.53
N ALA A 17 -1.36 0.36 4.95
CA ALA A 17 -2.32 1.12 5.73
C ALA A 17 -3.33 0.18 6.40
N LEU A 18 -3.77 -0.83 5.66
CA LEU A 18 -4.73 -1.79 6.19
C LEU A 18 -4.13 -2.52 7.39
N HIS A 19 -2.87 -2.92 7.26
CA HIS A 19 -2.21 -3.63 8.36
C HIS A 19 -2.16 -2.76 9.60
N ALA A 20 -1.81 -1.49 9.40
CA ALA A 20 -1.73 -0.54 10.51
C ALA A 20 -3.06 -0.41 11.23
N VAL A 21 -4.17 -0.39 10.47
CA VAL A 21 -5.49 -0.26 11.06
C VAL A 21 -5.81 -1.44 11.97
N GLY A 22 -5.50 -2.65 11.50
CA GLY A 22 -5.78 -3.84 12.29
C GLY A 22 -4.99 -3.84 13.60
N GLU A 23 -3.74 -3.42 13.53
CA GLU A 23 -2.89 -3.37 14.72
C GLU A 23 -3.43 -2.37 15.74
N SER A 24 -3.94 -1.24 15.25
CA SER A 24 -4.48 -0.22 16.13
C SER A 24 -5.65 -0.78 16.94
N LEU A 25 -6.52 -1.55 16.27
CA LEU A 25 -7.66 -2.13 16.94
C LEU A 25 -7.22 -3.28 17.84
N NH2 A 26 -6.08 -3.88 17.63
HN1 NH2 A 26 -5.51 -3.58 16.88
HN2 NH2 A 26 -5.79 -4.61 18.21
N GLY A 1 8.56 1.88 -17.84
CA GLY A 1 7.67 1.08 -16.96
C GLY A 1 7.44 1.82 -15.65
N ILE A 2 7.72 3.12 -15.64
CA ILE A 2 7.55 3.93 -14.45
C ILE A 2 6.09 3.95 -14.02
N GLY A 3 5.19 3.82 -15.00
CA GLY A 3 3.76 3.82 -14.72
C GLY A 3 3.38 2.65 -13.82
N ASP A 4 3.88 1.46 -14.16
CA ASP A 4 3.58 0.26 -13.38
C ASP A 4 4.19 0.37 -11.99
N ILE A 5 5.37 0.99 -11.90
CA ILE A 5 6.04 1.14 -10.62
C ILE A 5 5.22 2.03 -9.69
N LEU A 6 4.69 3.11 -10.22
CA LEU A 6 3.89 4.03 -9.42
C LEU A 6 2.66 3.32 -8.87
N LYS A 7 2.01 2.55 -9.73
CA LYS A 7 0.81 1.83 -9.34
C LYS A 7 1.14 0.82 -8.24
N ASN A 8 2.27 0.14 -8.38
CA ASN A 8 2.68 -0.84 -7.39
C ASN A 8 2.91 -0.18 -6.04
N LEU A 9 3.52 1.00 -6.06
CA LEU A 9 3.80 1.72 -4.83
C LEU A 9 2.50 2.05 -4.10
N ALA A 10 1.51 2.52 -4.84
CA ALA A 10 0.22 2.87 -4.24
C ALA A 10 -0.44 1.62 -3.64
N LYS A 11 -0.36 0.52 -4.36
CA LYS A 11 -0.95 -0.74 -3.88
C LYS A 11 -0.27 -1.18 -2.59
N ALA A 12 1.06 -1.09 -2.55
CA ALA A 12 1.81 -1.49 -1.37
C ALA A 12 1.42 -0.61 -0.18
N ALA A 13 1.22 0.67 -0.44
CA ALA A 13 0.84 1.60 0.62
C ALA A 13 -0.52 1.23 1.20
N GLY A 14 -1.42 0.77 0.33
CA GLY A 14 -2.76 0.38 0.77
C GLY A 14 -2.68 -0.76 1.78
N LYS A 15 -1.92 -1.79 1.44
CA LYS A 15 -1.77 -2.94 2.34
C LYS A 15 -1.11 -2.52 3.64
N ALA A 16 -0.09 -1.67 3.54
CA ALA A 16 0.61 -1.20 4.72
C ALA A 16 -0.34 -0.44 5.65
N ALA A 17 -1.15 0.43 5.06
CA ALA A 17 -2.11 1.21 5.84
C ALA A 17 -3.16 0.30 6.47
N LEU A 18 -3.60 -0.70 5.71
CA LEU A 18 -4.60 -1.63 6.20
C LEU A 18 -4.06 -2.40 7.40
N HIS A 19 -2.81 -2.82 7.31
CA HIS A 19 -2.18 -3.57 8.39
C HIS A 19 -2.15 -2.71 9.66
N ALA A 20 -1.82 -1.43 9.48
CA ALA A 20 -1.75 -0.50 10.61
C ALA A 20 -3.11 -0.36 11.27
N VAL A 21 -4.16 -0.33 10.46
CA VAL A 21 -5.52 -0.18 10.98
C VAL A 21 -5.89 -1.38 11.85
N GLY A 22 -5.57 -2.58 11.39
CA GLY A 22 -5.90 -3.79 12.13
C GLY A 22 -5.19 -3.80 13.49
N GLU A 23 -3.91 -3.44 13.48
CA GLU A 23 -3.13 -3.42 14.71
C GLU A 23 -3.72 -2.45 15.73
N SER A 24 -4.26 -1.35 15.24
CA SER A 24 -4.85 -0.34 16.13
C SER A 24 -5.99 -0.95 16.95
N LEU A 25 -6.72 -1.89 16.36
CA LEU A 25 -7.83 -2.53 17.04
C LEU A 25 -7.37 -3.22 18.31
N NH2 A 26 -6.33 -4.01 18.28
HN1 NH2 A 26 -5.84 -4.15 17.44
HN2 NH2 A 26 -6.02 -4.46 19.10
N GLY A 1 6.34 1.72 -17.09
CA GLY A 1 7.63 2.01 -16.40
C GLY A 1 7.34 2.75 -15.09
N ILE A 2 7.36 4.08 -15.15
CA ILE A 2 7.12 4.89 -13.97
C ILE A 2 5.70 4.66 -13.46
N GLY A 3 4.75 4.62 -14.38
CA GLY A 3 3.35 4.42 -14.01
C GLY A 3 3.16 3.07 -13.33
N ASP A 4 3.81 2.05 -13.86
CA ASP A 4 3.72 0.71 -13.30
C ASP A 4 4.27 0.69 -11.87
N ILE A 5 5.40 1.35 -11.66
CA ILE A 5 6.00 1.41 -10.35
C ILE A 5 5.08 2.13 -9.37
N LEU A 6 4.50 3.24 -9.83
CA LEU A 6 3.62 4.01 -8.97
C LEU A 6 2.43 3.16 -8.53
N LYS A 7 1.85 2.43 -9.48
CA LYS A 7 0.73 1.57 -9.18
C LYS A 7 1.14 0.46 -8.23
N ASN A 8 2.32 -0.10 -8.49
CA ASN A 8 2.85 -1.16 -7.64
C ASN A 8 3.08 -0.64 -6.22
N LEU A 9 3.64 0.58 -6.14
CA LEU A 9 3.90 1.19 -4.84
C LEU A 9 2.60 1.43 -4.10
N ALA A 10 1.61 1.94 -4.80
CA ALA A 10 0.31 2.21 -4.20
C ALA A 10 -0.32 0.92 -3.70
N LYS A 11 -0.18 -0.15 -4.49
CA LYS A 11 -0.75 -1.44 -4.10
C LYS A 11 -0.13 -1.93 -2.80
N ALA A 12 1.20 -1.85 -2.70
CA ALA A 12 1.90 -2.28 -1.49
C ALA A 12 1.51 -1.40 -0.30
N ALA A 13 1.41 -0.10 -0.53
CA ALA A 13 1.07 0.84 0.52
C ALA A 13 -0.35 0.57 1.04
N GLY A 14 -1.25 0.24 0.12
CA GLY A 14 -2.63 -0.03 0.50
C GLY A 14 -2.71 -1.21 1.47
N LYS A 15 -2.02 -2.29 1.14
CA LYS A 15 -2.01 -3.47 1.99
C LYS A 15 -1.40 -3.15 3.34
N ALA A 16 -0.29 -2.43 3.32
CA ALA A 16 0.40 -2.05 4.54
C ALA A 16 -0.47 -1.12 5.39
N ALA A 17 -1.17 -0.21 4.73
CA ALA A 17 -2.03 0.72 5.43
C ALA A 17 -3.14 -0.02 6.17
N LEU A 18 -3.70 -1.04 5.54
CA LEU A 18 -4.76 -1.83 6.16
C LEU A 18 -4.23 -2.51 7.41
N HIS A 19 -3.03 -3.07 7.31
CA HIS A 19 -2.44 -3.76 8.46
C HIS A 19 -2.24 -2.78 9.61
N ALA A 20 -1.79 -1.57 9.28
CA ALA A 20 -1.56 -0.55 10.29
C ALA A 20 -2.86 -0.21 11.01
N VAL A 21 -3.96 -0.17 10.26
CA VAL A 21 -5.26 0.15 10.84
C VAL A 21 -5.69 -0.97 11.81
N GLY A 22 -5.47 -2.21 11.40
CA GLY A 22 -5.85 -3.34 12.25
C GLY A 22 -5.20 -3.24 13.63
N GLU A 23 -3.88 -3.12 13.68
CA GLU A 23 -3.17 -3.02 14.94
C GLU A 23 -3.62 -1.80 15.71
N SER A 24 -3.98 -0.74 15.00
CA SER A 24 -4.43 0.49 15.63
C SER A 24 -5.65 0.22 16.52
N LEU A 25 -6.55 -0.64 16.03
CA LEU A 25 -7.74 -0.97 16.79
C LEU A 25 -7.37 -1.58 18.14
N NH2 A 26 -6.28 -2.27 18.25
HN1 NH2 A 26 -5.71 -2.41 17.47
HN2 NH2 A 26 -6.03 -2.66 19.13
#